data_4L50
#
_entry.id   4L50
#
_cell.length_a   116.809
_cell.length_b   116.809
_cell.length_c   79.975
_cell.angle_alpha   90.00
_cell.angle_beta   90.00
_cell.angle_gamma   120.00
#
_symmetry.space_group_name_H-M   'P 65'
#
loop_
_entity.id
_entity.type
_entity.pdbx_description
1 polymer 'Transcriptional regulator LsrR'
2 non-polymer '(2S)-2,3,3-trihydroxy-6-methyl-4-oxoheptyl dihydrogen phosphate'
3 water water
#
_entity_poly.entity_id   1
_entity_poly.type   'polypeptide(L)'
_entity_poly.pdbx_seq_one_letter_code
;SKGHQSGIIRVQINSRFEGCLEYETQLRRQFSLQHVRVIPGLADADVGGRLGIGAAHMLMSLLQPQQMLAIGFGEATMNT
LQRLSGFISSQQIRLVTLSGGVGSYMTGIGQLNAACSVNIIPAPLRASSADIARTLKNENCVKDVLLAAQAADVAIVGIG
AVSQQDDATIIRSGYISQGEQLMIGRKGAVGDILGYFFDAKGDVVTNIKIHNELIGLPLSALKTIPVRVGVAGGENKAEA
IAAAMKGGYINALVTDQDTAAAILRS
;
_entity_poly.pdbx_strand_id   A,B
#
# COMPACT_ATOMS: atom_id res chain seq x y z
N PHE A 17 8.87 -44.70 -18.64
CA PHE A 17 8.09 -44.38 -17.40
C PHE A 17 8.12 -42.87 -17.02
N GLU A 18 7.42 -42.52 -15.93
CA GLU A 18 7.47 -41.20 -15.25
C GLU A 18 6.26 -40.29 -15.58
N GLY A 19 6.50 -39.11 -16.14
CA GLY A 19 5.43 -38.10 -16.22
C GLY A 19 5.11 -37.28 -14.95
N CYS A 20 4.32 -36.21 -15.17
CA CYS A 20 4.03 -35.19 -14.15
C CYS A 20 3.47 -35.79 -12.91
N LEU A 21 2.55 -36.73 -13.03
CA LEU A 21 2.01 -37.35 -11.83
C LEU A 21 3.10 -38.14 -11.08
N GLU A 22 4.04 -38.71 -11.80
CA GLU A 22 5.14 -39.36 -11.05
C GLU A 22 6.09 -38.35 -10.37
N TYR A 23 6.47 -37.31 -11.09
CA TYR A 23 7.25 -36.25 -10.49
C TYR A 23 6.54 -35.66 -9.24
N GLU A 24 5.25 -35.43 -9.34
CA GLU A 24 4.55 -34.94 -8.13
C GLU A 24 4.81 -35.86 -6.94
N THR A 25 4.61 -37.14 -7.12
CA THR A 25 4.67 -38.09 -6.00
C THR A 25 6.09 -38.12 -5.51
N GLN A 26 7.02 -38.19 -6.45
CA GLN A 26 8.46 -38.27 -6.08
C GLN A 26 8.94 -36.99 -5.34
N LEU A 27 8.50 -35.81 -5.84
CA LEU A 27 8.87 -34.56 -5.16
C LEU A 27 8.30 -34.59 -3.74
N ARG A 28 7.06 -35.07 -3.63
N ARG A 28 7.07 -35.07 -3.62
CA ARG A 28 6.37 -35.13 -2.35
CA ARG A 28 6.42 -35.07 -2.33
C ARG A 28 7.16 -35.96 -1.35
C ARG A 28 7.18 -35.95 -1.34
N ARG A 29 7.55 -37.15 -1.77
CA ARG A 29 8.22 -38.08 -0.82
C ARG A 29 9.67 -37.65 -0.63
N GLN A 30 10.35 -37.25 -1.68
CA GLN A 30 11.73 -36.86 -1.49
C GLN A 30 11.90 -35.66 -0.54
N PHE A 31 11.03 -34.65 -0.64
CA PHE A 31 11.20 -33.42 0.15
C PHE A 31 10.14 -33.27 1.25
N SER A 32 9.38 -34.34 1.46
CA SER A 32 8.38 -34.37 2.50
C SER A 32 7.43 -33.19 2.43
N LEU A 33 6.76 -33.06 1.31
CA LEU A 33 5.91 -31.90 1.07
C LEU A 33 4.54 -32.33 1.42
N GLN A 34 3.65 -31.38 1.58
CA GLN A 34 2.28 -31.64 1.93
C GLN A 34 1.46 -31.65 0.67
N HIS A 35 1.81 -30.82 -0.32
CA HIS A 35 1.09 -30.72 -1.59
C HIS A 35 2.07 -30.34 -2.67
N VAL A 36 1.84 -30.87 -3.85
CA VAL A 36 2.68 -30.59 -5.02
C VAL A 36 1.82 -30.66 -6.29
N ARG A 37 2.03 -29.70 -7.19
CA ARG A 37 1.49 -29.73 -8.52
C ARG A 37 2.60 -29.48 -9.52
N VAL A 38 2.71 -30.34 -10.52
CA VAL A 38 3.65 -30.16 -11.62
C VAL A 38 2.82 -30.04 -12.89
N ILE A 39 2.88 -28.88 -13.53
CA ILE A 39 2.14 -28.64 -14.78
C ILE A 39 2.95 -29.10 -16.02
N PRO A 40 2.28 -29.79 -16.99
CA PRO A 40 3.01 -30.33 -18.15
C PRO A 40 3.78 -29.26 -18.91
N GLY A 41 4.97 -29.55 -19.45
CA GLY A 41 5.79 -28.53 -20.14
C GLY A 41 5.53 -28.25 -21.61
N LEU A 42 4.27 -28.26 -22.03
CA LEU A 42 3.91 -27.88 -23.41
C LEU A 42 4.28 -26.42 -23.69
N ALA A 45 2.74 -23.57 -23.90
CA ALA A 45 1.81 -22.52 -24.28
C ALA A 45 2.25 -21.23 -23.59
N ASP A 46 2.04 -21.13 -22.28
CA ASP A 46 2.67 -20.05 -21.49
C ASP A 46 3.00 -20.53 -20.06
N VAL A 47 4.26 -20.37 -19.65
CA VAL A 47 4.78 -20.93 -18.38
C VAL A 47 4.27 -20.13 -17.17
N GLY A 48 4.78 -18.92 -16.96
CA GLY A 48 4.34 -18.08 -15.85
C GLY A 48 2.83 -17.97 -15.71
N GLY A 49 2.13 -17.99 -16.84
CA GLY A 49 0.68 -17.87 -16.90
C GLY A 49 0.03 -19.11 -16.34
N ARG A 50 0.44 -20.27 -16.87
CA ARG A 50 -0.02 -21.57 -16.35
C ARG A 50 0.43 -21.86 -14.91
N LEU A 51 1.58 -21.34 -14.48
CA LEU A 51 2.02 -21.46 -13.07
C LEU A 51 1.06 -20.73 -12.17
N GLY A 52 0.79 -19.49 -12.52
CA GLY A 52 -0.25 -18.70 -11.89
C GLY A 52 -1.58 -19.44 -11.72
N ILE A 53 -2.03 -20.05 -12.79
CA ILE A 53 -3.31 -20.80 -12.79
C ILE A 53 -3.16 -22.06 -11.93
N GLY A 54 -2.05 -22.77 -12.07
CA GLY A 54 -1.88 -24.01 -11.27
C GLY A 54 -1.85 -23.67 -9.81
N ALA A 55 -1.13 -22.60 -9.51
CA ALA A 55 -0.97 -22.20 -8.13
C ALA A 55 -2.25 -21.67 -7.49
N ALA A 56 -3.06 -20.93 -8.24
CA ALA A 56 -4.39 -20.53 -7.73
C ALA A 56 -5.32 -21.72 -7.47
N HIS A 57 -5.29 -22.71 -8.35
CA HIS A 57 -6.15 -23.88 -8.10
C HIS A 57 -5.70 -24.53 -6.81
N MET A 58 -4.37 -24.70 -6.61
CA MET A 58 -3.88 -25.30 -5.38
C MET A 58 -4.35 -24.50 -4.14
N LEU A 59 -4.31 -23.18 -4.21
CA LEU A 59 -4.69 -22.41 -3.03
C LEU A 59 -6.22 -22.43 -2.83
N MET A 60 -6.95 -22.48 -3.95
CA MET A 60 -8.42 -22.70 -3.88
C MET A 60 -8.78 -23.98 -3.18
N SER A 61 -7.93 -25.00 -3.17
CA SER A 61 -8.26 -26.24 -2.45
C SER A 61 -7.86 -26.18 -0.97
N LEU A 62 -6.91 -25.32 -0.66
CA LEU A 62 -6.36 -25.27 0.67
C LEU A 62 -7.03 -24.21 1.55
N LEU A 63 -7.59 -23.17 0.99
CA LEU A 63 -8.06 -22.09 1.88
C LEU A 63 -9.53 -22.30 2.18
N GLN A 64 -9.86 -22.37 3.46
CA GLN A 64 -11.25 -22.44 3.96
C GLN A 64 -11.78 -21.03 4.12
N PRO A 65 -13.11 -20.84 4.10
CA PRO A 65 -13.59 -19.45 4.15
C PRO A 65 -13.05 -18.57 5.25
N GLN A 66 -12.87 -17.31 4.95
CA GLN A 66 -12.37 -16.38 5.97
C GLN A 66 -10.99 -16.69 6.56
N GLN A 67 -10.22 -17.58 5.96
CA GLN A 67 -8.84 -17.76 6.33
C GLN A 67 -7.94 -16.61 5.86
N MET A 68 -6.72 -16.62 6.39
CA MET A 68 -5.76 -15.59 6.10
C MET A 68 -4.56 -16.12 5.23
N LEU A 69 -4.33 -15.49 4.09
CA LEU A 69 -3.22 -15.82 3.20
C LEU A 69 -2.12 -14.76 3.30
N ALA A 70 -0.88 -15.17 3.58
CA ALA A 70 0.27 -14.30 3.54
C ALA A 70 0.96 -14.40 2.15
N ILE A 71 1.23 -13.25 1.57
CA ILE A 71 1.63 -13.13 0.17
C ILE A 71 3.01 -12.50 0.09
N GLY A 72 3.84 -13.09 -0.74
CA GLY A 72 5.20 -12.67 -0.95
C GLY A 72 5.34 -11.66 -2.06
N PHE A 73 6.52 -11.57 -2.64
CA PHE A 73 6.88 -10.57 -3.60
C PHE A 73 7.17 -11.30 -4.93
N GLY A 74 6.95 -10.62 -6.06
CA GLY A 74 7.44 -11.04 -7.36
C GLY A 74 6.48 -11.48 -8.41
N GLU A 75 6.99 -12.02 -9.50
CA GLU A 75 6.12 -12.18 -10.68
C GLU A 75 5.16 -13.33 -10.46
N ALA A 76 5.67 -14.50 -10.06
CA ALA A 76 4.76 -15.66 -9.93
C ALA A 76 3.68 -15.45 -8.85
N THR A 77 4.04 -14.81 -7.71
CA THR A 77 3.02 -14.55 -6.70
C THR A 77 1.97 -13.58 -7.21
N MET A 78 2.36 -12.51 -7.88
CA MET A 78 1.37 -11.56 -8.37
C MET A 78 0.45 -12.18 -9.43
N ASN A 79 1.03 -13.01 -10.28
CA ASN A 79 0.26 -13.73 -11.27
CA ASN A 79 0.29 -13.76 -11.27
C ASN A 79 -0.75 -14.63 -10.60
N THR A 80 -0.29 -15.39 -9.61
CA THR A 80 -1.20 -16.19 -8.88
C THR A 80 -2.33 -15.38 -8.25
N LEU A 81 -2.01 -14.29 -7.54
CA LEU A 81 -3.05 -13.56 -6.88
C LEU A 81 -4.10 -13.10 -7.82
N GLN A 82 -3.71 -12.64 -9.01
CA GLN A 82 -4.70 -12.20 -9.97
C GLN A 82 -5.66 -13.32 -10.29
N ARG A 83 -5.16 -14.53 -10.50
CA ARG A 83 -6.06 -15.59 -10.82
C ARG A 83 -6.97 -15.86 -9.62
N LEU A 84 -6.63 -15.37 -8.43
CA LEU A 84 -7.32 -15.82 -7.23
C LEU A 84 -8.41 -14.86 -6.77
N SER A 85 -8.55 -13.71 -7.44
CA SER A 85 -9.39 -12.62 -6.92
C SER A 85 -10.83 -12.96 -6.65
N GLY A 86 -11.45 -13.70 -7.58
CA GLY A 86 -12.86 -14.04 -7.43
C GLY A 86 -13.03 -14.87 -6.19
N PHE A 87 -12.18 -15.88 -6.07
CA PHE A 87 -12.12 -16.72 -4.86
C PHE A 87 -11.81 -15.87 -3.63
N ILE A 88 -10.83 -14.97 -3.71
CA ILE A 88 -10.53 -14.18 -2.50
C ILE A 88 -11.78 -13.45 -2.04
N SER A 89 -12.45 -12.76 -2.96
CA SER A 89 -13.71 -12.03 -2.64
C SER A 89 -14.88 -12.90 -2.18
N SER A 90 -15.15 -13.97 -2.90
CA SER A 90 -16.30 -14.78 -2.61
C SER A 90 -16.07 -15.52 -1.30
N GLN A 91 -14.86 -16.03 -1.02
CA GLN A 91 -14.63 -16.75 0.25
C GLN A 91 -14.18 -15.87 1.41
N GLN A 92 -14.15 -14.57 1.21
CA GLN A 92 -13.72 -13.63 2.29
C GLN A 92 -12.32 -13.91 2.87
N ILE A 93 -11.37 -14.14 1.99
CA ILE A 93 -10.04 -14.51 2.41
C ILE A 93 -9.35 -13.21 2.84
N ARG A 94 -8.67 -13.18 3.97
CA ARG A 94 -7.92 -12.01 4.31
C ARG A 94 -6.45 -12.19 3.85
N LEU A 95 -5.91 -11.11 3.35
CA LEU A 95 -4.58 -11.09 2.83
C LEU A 95 -3.67 -10.27 3.69
N VAL A 96 -2.42 -10.70 3.82
CA VAL A 96 -1.44 -9.93 4.56
C VAL A 96 -0.03 -10.00 3.84
N THR A 97 0.67 -8.87 3.71
CA THR A 97 1.96 -8.83 3.08
C THR A 97 3.08 -9.40 3.98
N LEU A 98 3.88 -10.31 3.40
CA LEU A 98 5.08 -10.82 4.05
C LEU A 98 6.21 -9.82 3.91
N SER A 99 6.19 -8.99 2.88
CA SER A 99 7.28 -8.01 2.72
C SER A 99 6.82 -6.58 2.74
N GLY A 100 7.76 -5.69 3.01
CA GLY A 100 7.53 -4.31 2.71
C GLY A 100 7.51 -4.03 1.25
N GLY A 101 7.30 -2.76 0.96
N GLY A 101 7.31 -2.76 0.92
CA GLY A 101 7.49 -2.30 -0.39
CA GLY A 101 7.42 -2.36 -0.49
C GLY A 101 6.19 -1.83 -0.93
C GLY A 101 6.08 -2.49 -1.15
N VAL A 102 5.11 -2.27 -0.29
CA VAL A 102 3.83 -1.62 -0.54
C VAL A 102 3.34 -1.63 -1.99
N GLY A 103 3.94 -0.73 -2.79
CA GLY A 103 3.62 -0.42 -4.20
C GLY A 103 3.62 -1.58 -5.16
N SER A 104 4.70 -2.38 -5.14
CA SER A 104 4.86 -3.65 -5.90
C SER A 104 3.61 -4.53 -5.84
N TYR A 105 3.00 -4.52 -4.66
CA TYR A 105 1.76 -5.24 -4.39
C TYR A 105 0.46 -4.72 -5.07
N MET A 106 0.50 -3.69 -5.90
CA MET A 106 -0.76 -3.15 -6.47
C MET A 106 -1.19 -3.77 -7.82
N THR A 107 -0.31 -4.55 -8.46
CA THR A 107 -0.73 -5.33 -9.65
C THR A 107 -1.81 -6.33 -9.23
N GLY A 108 -1.45 -7.29 -8.35
CA GLY A 108 -2.34 -8.41 -7.92
C GLY A 108 -3.52 -8.17 -6.95
N ILE A 109 -3.41 -7.15 -6.09
CA ILE A 109 -4.49 -6.73 -5.15
C ILE A 109 -5.27 -5.51 -5.66
N GLY A 110 -4.66 -4.76 -6.61
CA GLY A 110 -5.38 -3.79 -7.40
C GLY A 110 -6.82 -4.25 -7.63
N GLN A 111 -6.98 -5.45 -8.20
CA GLN A 111 -8.32 -6.00 -8.60
C GLN A 111 -9.09 -6.80 -7.52
N LEU A 112 -9.69 -6.09 -6.55
CA LEU A 112 -10.40 -6.73 -5.43
C LEU A 112 -11.48 -5.82 -4.88
N ASN A 113 -12.60 -6.39 -4.43
CA ASN A 113 -13.67 -5.56 -3.83
C ASN A 113 -13.15 -4.82 -2.58
N ALA A 114 -13.97 -3.91 -2.03
CA ALA A 114 -13.62 -3.20 -0.79
C ALA A 114 -14.04 -3.96 0.47
N ALA A 115 -14.85 -5.02 0.33
CA ALA A 115 -15.02 -5.98 1.43
C ALA A 115 -13.63 -6.63 1.78
N CYS A 116 -12.70 -6.68 0.80
CA CYS A 116 -11.38 -7.31 0.97
C CYS A 116 -10.51 -6.67 2.07
N SER A 117 -10.24 -7.44 3.12
CA SER A 117 -9.24 -7.10 4.13
C SER A 117 -7.81 -7.40 3.61
N VAL A 118 -7.08 -6.32 3.38
CA VAL A 118 -5.71 -6.37 2.88
C VAL A 118 -4.85 -5.63 3.85
N ASN A 119 -4.06 -6.41 4.57
CA ASN A 119 -3.17 -5.90 5.55
C ASN A 119 -1.73 -5.72 5.01
N ILE A 120 -1.25 -4.46 4.90
CA ILE A 120 0.00 -4.16 4.19
C ILE A 120 1.06 -3.55 5.09
N ILE A 121 2.27 -4.06 5.07
CA ILE A 121 3.36 -3.47 5.76
C ILE A 121 3.67 -2.09 5.23
N PRO A 122 3.53 -1.03 6.08
CA PRO A 122 3.65 0.37 5.66
C PRO A 122 5.09 0.88 5.75
N ALA A 123 5.96 0.31 4.89
CA ALA A 123 7.38 0.54 4.97
C ALA A 123 8.03 0.16 3.67
N PRO A 124 9.19 0.66 3.39
CA PRO A 124 9.96 0.09 2.23
C PRO A 124 10.28 -1.41 2.33
N LEU A 125 10.58 -2.05 1.19
CA LEU A 125 11.00 -3.44 1.22
C LEU A 125 12.35 -3.57 1.88
N ARG A 126 13.25 -2.65 1.55
CA ARG A 126 14.62 -2.65 2.05
C ARG A 126 15.01 -1.27 2.49
N ALA A 127 15.42 -1.16 3.74
CA ALA A 127 15.97 0.04 4.29
C ALA A 127 17.43 0.27 3.82
N SER A 128 17.86 1.51 3.88
CA SER A 128 19.23 1.84 3.49
C SER A 128 20.27 1.47 4.55
N SER A 129 19.89 1.04 5.75
CA SER A 129 20.80 0.61 6.74
C SER A 129 20.10 -0.37 7.66
N ALA A 130 20.89 -1.23 8.28
CA ALA A 130 20.38 -2.10 9.29
C ALA A 130 19.72 -1.35 10.45
N ASP A 131 20.30 -0.24 10.91
CA ASP A 131 19.69 0.45 12.04
C ASP A 131 18.36 1.02 11.66
N ILE A 132 18.20 1.47 10.40
CA ILE A 132 16.89 1.96 9.94
C ILE A 132 15.86 0.84 9.81
N ALA A 133 16.27 -0.34 9.34
CA ALA A 133 15.36 -1.47 9.35
C ALA A 133 14.90 -1.82 10.78
N ARG A 134 15.83 -1.89 11.75
CA ARG A 134 15.44 -2.23 13.15
C ARG A 134 14.46 -1.20 13.73
N THR A 135 14.73 0.09 13.49
CA THR A 135 13.75 1.22 13.78
C THR A 135 12.39 1.04 13.13
N LEU A 136 12.36 0.67 11.88
CA LEU A 136 11.05 0.51 11.25
C LEU A 136 10.28 -0.69 11.75
N LYS A 137 10.97 -1.81 11.97
CA LYS A 137 10.30 -3.01 12.55
C LYS A 137 9.69 -2.76 13.92
N ASN A 138 10.24 -1.82 14.66
CA ASN A 138 9.73 -1.44 15.96
C ASN A 138 8.63 -0.38 15.96
N GLU A 139 8.31 0.27 14.84
CA GLU A 139 7.15 1.13 14.82
C GLU A 139 5.91 0.26 14.99
N ASN A 140 4.91 0.74 15.72
CA ASN A 140 3.70 -0.04 15.98
C ASN A 140 2.91 -0.48 14.75
N CYS A 141 2.74 0.40 13.77
CA CYS A 141 1.96 0.00 12.61
C CYS A 141 2.68 -1.12 11.77
N VAL A 142 4.00 -1.17 11.85
CA VAL A 142 4.81 -2.19 11.15
C VAL A 142 4.76 -3.48 11.89
N LYS A 143 4.98 -3.42 13.18
CA LYS A 143 5.03 -4.58 14.08
C LYS A 143 3.73 -5.38 14.13
N ASP A 144 2.62 -4.68 14.15
CA ASP A 144 1.31 -5.21 14.13
C ASP A 144 1.11 -6.11 12.86
N VAL A 145 1.48 -5.63 11.67
CA VAL A 145 1.39 -6.38 10.42
C VAL A 145 2.37 -7.56 10.39
N LEU A 146 3.61 -7.39 10.88
CA LEU A 146 4.53 -8.50 10.97
C LEU A 146 3.94 -9.59 11.87
N LEU A 147 3.29 -9.19 12.96
CA LEU A 147 2.60 -10.21 13.75
C LEU A 147 1.45 -10.87 13.02
N ALA A 148 0.58 -10.11 12.37
CA ALA A 148 -0.50 -10.73 11.61
C ALA A 148 0.03 -11.74 10.53
N ALA A 149 1.10 -11.35 9.82
CA ALA A 149 1.68 -12.20 8.75
C ALA A 149 2.15 -13.53 9.28
N GLN A 150 2.84 -13.48 10.38
CA GLN A 150 3.36 -14.67 10.95
C GLN A 150 2.26 -15.64 11.42
N ALA A 151 1.08 -15.08 11.67
CA ALA A 151 -0.08 -15.82 12.13
C ALA A 151 -0.95 -16.34 10.99
N ALA A 152 -0.60 -16.07 9.73
CA ALA A 152 -1.39 -16.57 8.64
C ALA A 152 -1.57 -18.10 8.60
N ASP A 153 -2.66 -18.54 7.95
CA ASP A 153 -2.90 -20.00 7.78
C ASP A 153 -2.09 -20.62 6.61
N VAL A 154 -2.00 -19.86 5.51
CA VAL A 154 -1.29 -20.23 4.28
C VAL A 154 -0.43 -19.05 3.79
N ALA A 155 0.77 -19.35 3.31
CA ALA A 155 1.59 -18.38 2.58
C ALA A 155 1.74 -18.79 1.09
N ILE A 156 1.95 -17.81 0.22
CA ILE A 156 2.31 -18.04 -1.19
C ILE A 156 3.50 -17.16 -1.46
N VAL A 157 4.63 -17.78 -1.82
CA VAL A 157 5.85 -17.05 -2.14
C VAL A 157 6.48 -17.51 -3.43
N GLY A 158 7.29 -16.64 -4.03
CA GLY A 158 8.09 -17.05 -5.15
C GLY A 158 9.46 -17.47 -4.66
N ILE A 159 10.31 -17.95 -5.58
CA ILE A 159 11.67 -18.32 -5.27
C ILE A 159 12.63 -17.76 -6.35
N GLY A 160 13.62 -17.00 -5.90
CA GLY A 160 14.56 -16.39 -6.83
C GLY A 160 15.83 -17.20 -6.87
N ALA A 161 16.55 -17.05 -7.99
CA ALA A 161 17.82 -17.82 -8.14
C ALA A 161 18.96 -16.95 -8.61
N VAL A 162 20.09 -17.20 -8.00
CA VAL A 162 21.32 -16.51 -8.32
C VAL A 162 21.67 -16.75 -9.78
N SER A 163 21.50 -17.99 -10.26
CA SER A 163 21.68 -18.28 -11.68
C SER A 163 20.95 -17.44 -12.63
N GLN A 164 19.87 -16.76 -12.23
CA GLN A 164 19.11 -15.99 -13.20
C GLN A 164 19.84 -14.70 -13.57
N GLN A 165 20.79 -14.29 -12.75
CA GLN A 165 21.67 -13.10 -12.98
C GLN A 165 20.81 -11.88 -13.30
N ASP A 166 21.01 -11.22 -14.45
CA ASP A 166 20.21 -10.01 -14.84
C ASP A 166 18.70 -10.22 -14.97
N ASP A 167 18.28 -11.44 -15.23
CA ASP A 167 16.84 -11.75 -15.36
C ASP A 167 16.07 -11.89 -13.99
N ALA A 168 16.80 -11.98 -12.88
CA ALA A 168 16.18 -12.16 -11.56
C ALA A 168 15.31 -10.93 -11.25
N THR A 169 14.09 -11.15 -10.75
CA THR A 169 13.21 -10.04 -10.37
C THR A 169 13.90 -9.09 -9.39
N ILE A 170 14.73 -9.64 -8.51
CA ILE A 170 15.36 -8.81 -7.47
C ILE A 170 16.30 -7.74 -8.08
N ILE A 171 16.86 -8.00 -9.27
CA ILE A 171 17.80 -7.11 -10.00
C ILE A 171 16.96 -6.15 -10.83
N ARG A 172 16.04 -6.73 -11.59
CA ARG A 172 15.14 -5.95 -12.40
C ARG A 172 14.35 -4.98 -11.61
N SER A 173 13.98 -5.28 -10.38
CA SER A 173 13.32 -4.24 -9.60
C SER A 173 14.28 -3.34 -8.88
N GLY A 174 15.59 -3.56 -8.97
CA GLY A 174 16.53 -2.67 -8.23
C GLY A 174 16.63 -2.86 -6.74
N TYR A 175 16.29 -4.03 -6.22
CA TYR A 175 16.44 -4.22 -4.80
C TYR A 175 17.82 -4.64 -4.43
N ILE A 176 18.59 -5.18 -5.36
CA ILE A 176 20.04 -5.29 -5.11
C ILE A 176 20.75 -4.85 -6.35
N SER A 177 22.04 -4.54 -6.21
CA SER A 177 22.81 -4.18 -7.37
C SER A 177 23.47 -5.41 -7.97
N GLN A 178 24.00 -5.23 -9.17
CA GLN A 178 24.71 -6.30 -9.86
C GLN A 178 25.89 -6.76 -8.99
N GLY A 179 26.67 -5.81 -8.49
CA GLY A 179 27.77 -6.13 -7.58
C GLY A 179 27.37 -6.89 -6.34
N GLU A 180 26.21 -6.55 -5.74
CA GLU A 180 25.68 -7.35 -4.65
C GLU A 180 25.38 -8.73 -5.11
N GLN A 181 24.73 -8.89 -6.22
CA GLN A 181 24.40 -10.24 -6.66
C GLN A 181 25.67 -11.17 -6.83
N LEU A 182 26.73 -10.62 -7.44
CA LEU A 182 28.02 -11.32 -7.64
C LEU A 182 28.61 -11.69 -6.30
N MET A 183 28.60 -10.81 -5.34
CA MET A 183 29.14 -11.20 -4.03
C MET A 183 28.31 -12.24 -3.29
N ILE A 184 26.99 -12.09 -3.41
CA ILE A 184 26.05 -13.09 -2.82
C ILE A 184 26.33 -14.49 -3.40
N GLY A 185 26.45 -14.57 -4.70
CA GLY A 185 26.92 -15.82 -5.36
C GLY A 185 28.31 -16.26 -4.94
N ARG A 186 29.25 -15.32 -4.78
CA ARG A 186 30.58 -15.72 -4.33
C ARG A 186 30.47 -16.32 -2.90
N LYS A 187 29.58 -15.78 -2.10
CA LYS A 187 29.47 -16.33 -0.75
C LYS A 187 28.73 -17.67 -0.63
N GLY A 188 28.35 -18.31 -1.73
CA GLY A 188 27.72 -19.61 -1.64
C GLY A 188 26.19 -19.64 -1.75
N ALA A 189 25.50 -18.51 -1.93
CA ALA A 189 24.04 -18.54 -2.00
C ALA A 189 23.63 -19.05 -3.32
N VAL A 190 22.47 -19.69 -3.36
CA VAL A 190 21.89 -20.20 -4.58
C VAL A 190 20.55 -19.59 -4.96
N GLY A 191 19.87 -19.01 -3.97
CA GLY A 191 18.51 -18.60 -4.17
C GLY A 191 18.03 -17.83 -2.99
N ASP A 192 16.85 -17.29 -3.11
CA ASP A 192 16.31 -16.48 -2.06
C ASP A 192 14.80 -16.60 -2.01
N ILE A 193 14.25 -16.38 -0.82
CA ILE A 193 12.82 -16.17 -0.64
C ILE A 193 12.75 -14.87 0.16
N LEU A 194 11.89 -13.96 -0.24
CA LEU A 194 11.62 -12.67 0.39
C LEU A 194 12.88 -11.77 0.58
N GLY A 195 13.92 -12.03 -0.23
CA GLY A 195 15.17 -11.27 -0.20
C GLY A 195 16.21 -11.95 0.64
N TYR A 196 15.86 -13.07 1.24
CA TYR A 196 16.80 -13.78 2.09
C TYR A 196 17.43 -14.96 1.34
N PHE A 197 18.74 -14.98 1.25
CA PHE A 197 19.50 -15.85 0.37
C PHE A 197 20.07 -17.00 1.12
N PHE A 198 19.80 -18.21 0.65
CA PHE A 198 20.29 -19.41 1.32
C PHE A 198 21.24 -20.19 0.39
N ASP A 199 22.02 -21.07 0.99
CA ASP A 199 23.00 -21.88 0.23
C ASP A 199 22.35 -23.18 -0.26
N ALA A 200 23.11 -24.08 -0.92
CA ALA A 200 22.54 -25.32 -1.53
C ALA A 200 21.92 -26.32 -0.50
N LYS A 201 22.29 -26.23 0.77
CA LYS A 201 21.67 -27.08 1.79
C LYS A 201 20.50 -26.46 2.43
N GLY A 202 20.19 -25.20 2.11
CA GLY A 202 18.97 -24.57 2.60
C GLY A 202 19.19 -23.67 3.78
N ASP A 203 20.48 -23.45 4.15
CA ASP A 203 20.83 -22.47 5.22
C ASP A 203 21.02 -21.01 4.73
N VAL A 204 20.41 -20.09 5.44
CA VAL A 204 20.56 -18.69 5.17
C VAL A 204 22.03 -18.30 5.24
N VAL A 205 22.52 -17.58 4.26
CA VAL A 205 23.97 -17.30 4.27
C VAL A 205 24.19 -16.10 5.19
N THR A 206 25.19 -16.19 6.06
CA THR A 206 25.33 -15.30 7.24
C THR A 206 25.82 -13.87 7.04
N ASN A 207 26.64 -13.62 6.06
CA ASN A 207 27.30 -12.31 6.10
C ASN A 207 26.79 -11.42 4.97
N ILE A 208 25.49 -11.21 4.87
CA ILE A 208 24.93 -10.62 3.70
C ILE A 208 24.15 -9.38 4.12
N LYS A 209 24.54 -8.25 3.57
CA LYS A 209 24.02 -6.97 3.97
C LYS A 209 22.51 -6.82 3.84
N ILE A 210 21.92 -7.28 2.74
CA ILE A 210 20.52 -7.05 2.54
C ILE A 210 19.72 -7.70 3.62
N HIS A 211 20.18 -8.83 4.17
CA HIS A 211 19.42 -9.53 5.13
C HIS A 211 19.05 -8.65 6.35
N ASN A 212 19.94 -7.85 6.87
CA ASN A 212 19.55 -7.04 8.05
C ASN A 212 18.91 -5.71 7.69
N GLU A 213 18.75 -5.42 6.40
CA GLU A 213 18.08 -4.23 5.91
C GLU A 213 16.64 -4.49 5.44
N LEU A 214 16.24 -5.74 5.33
CA LEU A 214 14.89 -6.04 4.95
C LEU A 214 13.88 -5.80 6.11
N ILE A 215 12.73 -5.25 5.78
CA ILE A 215 11.74 -4.94 6.80
C ILE A 215 10.79 -6.08 7.10
N GLY A 216 10.43 -6.86 6.11
CA GLY A 216 9.42 -7.91 6.32
C GLY A 216 9.87 -9.09 7.14
N LEU A 217 9.02 -10.07 7.22
CA LEU A 217 9.21 -11.25 8.07
C LEU A 217 10.48 -12.06 7.69
N PRO A 218 11.34 -12.44 8.64
CA PRO A 218 12.42 -13.36 8.33
C PRO A 218 11.94 -14.75 8.06
N LEU A 219 12.75 -15.51 7.37
CA LEU A 219 12.42 -16.88 7.04
C LEU A 219 12.17 -17.80 8.26
N SER A 220 12.93 -17.57 9.32
CA SER A 220 12.64 -18.29 10.57
C SER A 220 11.18 -18.10 11.03
N ALA A 221 10.65 -16.90 10.93
CA ALA A 221 9.24 -16.64 11.26
C ALA A 221 8.25 -17.11 10.17
N LEU A 222 8.56 -16.95 8.89
CA LEU A 222 7.77 -17.55 7.82
C LEU A 222 7.42 -19.01 8.19
N LYS A 223 8.36 -19.77 8.77
CA LYS A 223 8.06 -21.20 9.08
C LYS A 223 6.94 -21.51 10.13
N THR A 224 6.44 -20.50 10.83
CA THR A 224 5.32 -20.67 11.73
C THR A 224 4.07 -20.95 10.90
N ILE A 225 3.95 -20.41 9.69
CA ILE A 225 2.73 -20.59 8.86
C ILE A 225 2.67 -22.07 8.48
N PRO A 226 1.52 -22.73 8.65
CA PRO A 226 1.56 -24.22 8.53
C PRO A 226 1.66 -24.72 7.12
N VAL A 227 0.97 -24.02 6.20
CA VAL A 227 1.05 -24.38 4.78
C VAL A 227 1.82 -23.27 4.02
N ARG A 228 2.99 -23.60 3.44
CA ARG A 228 3.80 -22.58 2.75
C ARG A 228 4.09 -23.00 1.33
N VAL A 229 3.37 -22.36 0.38
CA VAL A 229 3.46 -22.73 -1.03
C VAL A 229 4.44 -21.91 -1.81
N GLY A 230 5.44 -22.56 -2.37
CA GLY A 230 6.32 -21.85 -3.31
C GLY A 230 5.81 -22.05 -4.73
N VAL A 231 5.83 -21.01 -5.55
CA VAL A 231 5.39 -21.10 -6.94
C VAL A 231 6.53 -20.58 -7.76
N ALA A 232 7.14 -21.48 -8.53
CA ALA A 232 8.38 -21.14 -9.28
C ALA A 232 8.63 -22.08 -10.38
N GLY A 233 9.15 -21.55 -11.48
CA GLY A 233 9.49 -22.37 -12.61
C GLY A 233 10.66 -21.90 -13.43
N GLY A 234 11.18 -22.81 -14.28
CA GLY A 234 12.37 -22.54 -15.11
C GLY A 234 13.56 -23.33 -14.59
N GLU A 235 14.27 -23.98 -15.50
CA GLU A 235 15.34 -24.88 -15.12
C GLU A 235 16.47 -24.16 -14.38
N ASN A 236 16.72 -22.91 -14.71
CA ASN A 236 17.70 -22.18 -13.90
C ASN A 236 17.34 -22.07 -12.38
N LYS A 237 16.08 -22.37 -11.97
CA LYS A 237 15.69 -22.16 -10.58
C LYS A 237 15.78 -23.46 -9.80
N ALA A 238 16.12 -24.57 -10.48
CA ALA A 238 15.98 -25.87 -9.91
C ALA A 238 16.80 -26.08 -8.63
N GLU A 239 18.05 -25.62 -8.64
CA GLU A 239 18.90 -25.66 -7.46
C GLU A 239 18.33 -24.82 -6.28
N ALA A 240 17.92 -23.58 -6.58
CA ALA A 240 17.27 -22.69 -5.57
C ALA A 240 16.02 -23.33 -5.00
N ILE A 241 15.20 -23.94 -5.86
CA ILE A 241 13.90 -24.51 -5.37
C ILE A 241 14.15 -25.71 -4.47
N ALA A 242 15.13 -26.52 -4.82
CA ALA A 242 15.49 -27.67 -3.99
C ALA A 242 16.03 -27.22 -2.65
N ALA A 243 16.92 -26.25 -2.68
CA ALA A 243 17.48 -25.70 -1.43
C ALA A 243 16.40 -25.13 -0.55
N ALA A 244 15.40 -24.52 -1.15
CA ALA A 244 14.31 -23.90 -0.40
C ALA A 244 13.49 -24.89 0.36
N MET A 245 13.24 -26.04 -0.26
CA MET A 245 12.60 -27.21 0.40
C MET A 245 13.50 -27.88 1.42
N LYS A 246 14.75 -28.11 1.09
CA LYS A 246 15.66 -28.58 2.10
C LYS A 246 15.75 -27.69 3.30
N GLY A 247 15.61 -26.38 3.14
CA GLY A 247 15.66 -25.57 4.36
C GLY A 247 14.34 -25.53 5.06
N GLY A 248 13.30 -26.05 4.44
CA GLY A 248 12.05 -26.05 5.11
C GLY A 248 11.22 -24.81 4.89
N TYR A 249 11.62 -23.91 3.99
CA TYR A 249 10.91 -22.63 3.93
C TYR A 249 9.49 -22.80 3.30
N ILE A 250 9.40 -23.64 2.29
CA ILE A 250 8.14 -24.09 1.72
C ILE A 250 7.95 -25.60 2.06
N ASN A 251 6.69 -26.00 2.27
CA ASN A 251 6.34 -27.37 2.41
C ASN A 251 5.26 -27.74 1.32
N ALA A 252 5.17 -26.91 0.29
CA ALA A 252 4.31 -27.24 -0.87
C ALA A 252 4.84 -26.49 -2.07
N LEU A 253 4.64 -27.08 -3.26
CA LEU A 253 5.30 -26.52 -4.47
C LEU A 253 4.43 -26.65 -5.70
N VAL A 254 4.40 -25.58 -6.46
CA VAL A 254 3.85 -25.56 -7.77
C VAL A 254 4.95 -25.20 -8.75
N THR A 255 5.20 -26.07 -9.73
CA THR A 255 6.33 -25.92 -10.65
C THR A 255 5.98 -26.58 -11.99
N ASP A 256 6.87 -26.52 -12.96
CA ASP A 256 6.60 -27.11 -14.29
C ASP A 256 7.43 -28.39 -14.46
N GLN A 257 7.08 -29.15 -15.49
CA GLN A 257 7.60 -30.49 -15.74
C GLN A 257 9.13 -30.52 -15.85
N ASP A 258 9.69 -29.65 -16.65
CA ASP A 258 11.14 -29.72 -16.85
C ASP A 258 11.84 -29.32 -15.53
N THR A 259 11.28 -28.33 -14.82
CA THR A 259 11.96 -27.87 -13.58
C THR A 259 11.94 -29.01 -12.57
N ALA A 260 10.78 -29.68 -12.53
CA ALA A 260 10.60 -30.78 -11.63
C ALA A 260 11.61 -31.87 -11.90
N ALA A 261 11.80 -32.16 -13.17
CA ALA A 261 12.76 -33.20 -13.56
C ALA A 261 14.18 -32.79 -13.15
N ALA A 262 14.52 -31.52 -13.36
CA ALA A 262 15.84 -31.03 -12.88
C ALA A 262 15.99 -31.06 -11.38
N ILE A 263 14.95 -30.70 -10.67
CA ILE A 263 15.03 -30.70 -9.19
C ILE A 263 15.34 -32.10 -8.74
N LEU A 264 14.67 -33.06 -9.36
CA LEU A 264 14.76 -34.46 -8.95
C LEU A 264 16.16 -35.05 -9.17
N ARG A 265 16.80 -34.69 -10.32
CA ARG A 265 18.25 -35.00 -10.57
C ARG A 265 19.24 -34.04 -9.87
N SER A 266 18.75 -32.99 -9.19
CA SER A 266 19.60 -32.10 -8.40
C SER A 266 20.54 -32.87 -7.52
N GLU B 18 -30.67 26.44 -5.75
CA GLU B 18 -31.61 26.56 -4.59
C GLU B 18 -30.88 27.29 -3.46
N GLY B 19 -30.40 28.50 -3.73
CA GLY B 19 -29.41 29.11 -2.88
C GLY B 19 -27.99 28.56 -3.13
N CYS B 20 -27.86 27.39 -3.77
CA CYS B 20 -26.57 26.73 -4.04
C CYS B 20 -25.74 27.50 -5.01
N LEU B 21 -26.36 27.96 -6.10
CA LEU B 21 -25.63 28.82 -7.04
C LEU B 21 -25.12 30.10 -6.38
N GLU B 22 -25.89 30.66 -5.45
CA GLU B 22 -25.54 31.97 -4.85
C GLU B 22 -24.43 31.78 -3.82
N TYR B 23 -24.55 30.72 -3.04
CA TYR B 23 -23.47 30.28 -2.13
C TYR B 23 -22.12 30.03 -2.85
N GLU B 24 -22.20 29.32 -3.98
CA GLU B 24 -21.03 29.06 -4.79
C GLU B 24 -20.41 30.39 -5.20
N THR B 25 -21.23 31.28 -5.75
CA THR B 25 -20.73 32.58 -6.15
C THR B 25 -20.15 33.35 -4.99
N GLN B 26 -20.84 33.37 -3.88
CA GLN B 26 -20.29 34.15 -2.79
C GLN B 26 -18.98 33.57 -2.25
N LEU B 27 -18.93 32.25 -2.08
CA LEU B 27 -17.68 31.61 -1.58
C LEU B 27 -16.57 31.86 -2.56
N ARG B 28 -16.90 31.77 -3.84
CA ARG B 28 -15.88 31.96 -4.91
C ARG B 28 -15.26 33.33 -4.76
N ARG B 29 -16.09 34.36 -4.61
CA ARG B 29 -15.58 35.70 -4.51
C ARG B 29 -14.96 35.98 -3.16
N GLN B 30 -15.57 35.51 -2.07
CA GLN B 30 -15.02 35.86 -0.76
C GLN B 30 -13.63 35.29 -0.55
N PHE B 31 -13.40 34.07 -1.01
CA PHE B 31 -12.13 33.42 -0.77
C PHE B 31 -11.30 33.28 -2.03
N SER B 32 -11.66 34.06 -3.05
CA SER B 32 -10.92 34.00 -4.31
C SER B 32 -10.62 32.61 -4.79
N LEU B 33 -11.65 31.79 -4.94
CA LEU B 33 -11.46 30.43 -5.36
C LEU B 33 -11.55 30.27 -6.87
N GLN B 34 -10.97 29.20 -7.40
CA GLN B 34 -11.07 28.87 -8.80
C GLN B 34 -12.32 28.11 -9.14
N HIS B 35 -12.75 27.18 -8.29
CA HIS B 35 -13.96 26.36 -8.53
C HIS B 35 -14.64 26.09 -7.21
N VAL B 36 -15.96 26.07 -7.20
CA VAL B 36 -16.74 25.81 -6.01
C VAL B 36 -18.01 25.07 -6.38
N ARG B 37 -18.38 24.07 -5.62
CA ARG B 37 -19.67 23.41 -5.74
C ARG B 37 -20.30 23.30 -4.34
N VAL B 38 -21.55 23.73 -4.23
CA VAL B 38 -22.27 23.64 -2.99
C VAL B 38 -23.46 22.73 -3.19
N ILE B 39 -23.49 21.65 -2.45
CA ILE B 39 -24.50 20.60 -2.48
C ILE B 39 -25.73 21.00 -1.65
N PRO B 40 -26.98 20.76 -2.16
CA PRO B 40 -28.25 21.03 -1.41
C PRO B 40 -28.30 20.42 0.00
N GLY B 41 -29.12 20.99 0.88
CA GLY B 41 -29.18 20.59 2.31
C GLY B 41 -29.83 19.23 2.56
N ASP B 44 -31.71 15.34 1.69
CA ASP B 44 -31.05 15.59 2.97
C ASP B 44 -30.38 14.33 3.51
N ALA B 45 -30.72 13.19 2.93
CA ALA B 45 -30.38 11.86 3.46
C ALA B 45 -28.87 11.68 3.69
N ASP B 46 -28.11 11.53 2.60
CA ASP B 46 -26.68 11.20 2.71
C ASP B 46 -25.75 12.33 2.22
N VAL B 47 -25.25 13.11 3.18
CA VAL B 47 -24.38 14.25 2.94
C VAL B 47 -22.94 13.78 2.69
N GLY B 48 -22.38 12.95 3.55
CA GLY B 48 -21.04 12.37 3.28
C GLY B 48 -21.00 11.81 1.85
N GLY B 49 -22.11 11.23 1.42
CA GLY B 49 -22.17 10.48 0.18
C GLY B 49 -22.42 11.36 -1.03
N ARG B 50 -23.26 12.35 -0.86
CA ARG B 50 -23.45 13.32 -1.91
C ARG B 50 -22.26 14.27 -2.05
N LEU B 51 -21.40 14.33 -1.04
CA LEU B 51 -20.21 15.12 -1.12
C LEU B 51 -19.19 14.40 -2.00
N GLY B 52 -19.07 13.08 -1.84
CA GLY B 52 -18.20 12.31 -2.73
C GLY B 52 -18.60 12.44 -4.19
N ILE B 53 -19.92 12.50 -4.41
CA ILE B 53 -20.49 12.67 -5.74
C ILE B 53 -20.20 14.06 -6.24
N GLY B 54 -20.43 15.05 -5.40
CA GLY B 54 -20.17 16.40 -5.84
C GLY B 54 -18.70 16.56 -6.23
N ALA B 55 -17.81 15.95 -5.48
CA ALA B 55 -16.37 16.18 -5.69
C ALA B 55 -15.86 15.38 -6.89
N ALA B 56 -16.36 14.16 -7.00
CA ALA B 56 -16.04 13.32 -8.13
C ALA B 56 -16.47 14.07 -9.37
N HIS B 57 -17.67 14.71 -9.38
CA HIS B 57 -18.03 15.52 -10.56
C HIS B 57 -17.06 16.64 -10.79
N MET B 58 -16.71 17.37 -9.74
CA MET B 58 -15.79 18.46 -9.96
C MET B 58 -14.45 17.90 -10.53
N LEU B 59 -13.98 16.80 -9.99
CA LEU B 59 -12.74 16.23 -10.53
C LEU B 59 -12.84 15.73 -11.99
N MET B 60 -13.95 15.07 -12.32
CA MET B 60 -14.20 14.68 -13.73
C MET B 60 -14.11 15.84 -14.70
N SER B 61 -14.49 17.02 -14.27
CA SER B 61 -14.41 18.20 -15.15
C SER B 61 -13.11 18.95 -15.12
N LEU B 62 -12.27 18.76 -14.09
CA LEU B 62 -10.95 19.40 -14.10
C LEU B 62 -9.84 18.48 -14.67
N LEU B 63 -10.02 17.18 -14.56
CA LEU B 63 -8.92 16.29 -14.86
C LEU B 63 -8.93 15.97 -16.38
N GLN B 64 -7.79 16.11 -17.06
CA GLN B 64 -7.61 15.65 -18.47
C GLN B 64 -6.95 14.32 -18.45
N PRO B 65 -7.08 13.54 -19.54
CA PRO B 65 -6.55 12.17 -19.58
C PRO B 65 -5.05 12.08 -19.31
N GLN B 66 -4.64 11.02 -18.61
CA GLN B 66 -3.24 10.90 -18.20
C GLN B 66 -2.69 11.92 -17.20
N GLN B 67 -3.53 12.83 -16.68
CA GLN B 67 -3.06 13.76 -15.63
C GLN B 67 -2.85 13.05 -14.29
N MET B 68 -2.22 13.74 -13.37
CA MET B 68 -1.85 13.14 -12.09
C MET B 68 -2.70 13.74 -10.96
N LEU B 69 -3.38 12.89 -10.18
CA LEU B 69 -4.18 13.36 -9.06
C LEU B 69 -3.53 12.95 -7.72
N ALA B 70 -3.24 13.92 -6.88
CA ALA B 70 -2.72 13.63 -5.53
C ALA B 70 -3.88 13.52 -4.54
N ILE B 71 -3.89 12.46 -3.73
CA ILE B 71 -5.02 12.14 -2.87
C ILE B 71 -4.63 12.19 -1.44
N GLY B 72 -5.52 12.74 -0.66
CA GLY B 72 -5.25 12.95 0.77
C GLY B 72 -5.75 11.81 1.56
N PHE B 73 -5.96 12.00 2.84
CA PHE B 73 -6.44 10.97 3.76
C PHE B 73 -7.85 11.26 4.22
N GLY B 74 -8.59 10.21 4.53
CA GLY B 74 -9.78 10.31 5.30
C GLY B 74 -11.03 9.96 4.58
N GLU B 75 -12.13 10.30 5.23
CA GLU B 75 -13.45 9.80 4.82
C GLU B 75 -14.00 10.49 3.57
N ALA B 76 -14.06 11.82 3.53
CA ALA B 76 -14.54 12.45 2.29
C ALA B 76 -13.72 12.09 1.03
N THR B 77 -12.40 11.94 1.18
CA THR B 77 -11.51 11.69 0.06
C THR B 77 -11.66 10.26 -0.40
N MET B 78 -11.72 9.32 0.54
CA MET B 78 -11.90 7.91 0.15
C MET B 78 -13.26 7.73 -0.49
N ASN B 79 -14.28 8.44 0.01
CA ASN B 79 -15.60 8.37 -0.59
C ASN B 79 -15.55 8.91 -1.99
N THR B 80 -14.95 10.08 -2.16
CA THR B 80 -14.70 10.63 -3.50
C THR B 80 -13.96 9.68 -4.45
N LEU B 81 -12.94 8.98 -3.98
CA LEU B 81 -12.18 8.13 -4.87
C LEU B 81 -12.95 6.93 -5.30
N GLN B 82 -13.75 6.36 -4.41
CA GLN B 82 -14.57 5.19 -4.76
C GLN B 82 -15.47 5.57 -5.89
N ARG B 83 -16.04 6.76 -5.81
CA ARG B 83 -16.94 7.20 -6.82
C ARG B 83 -16.27 7.59 -8.11
N LEU B 84 -14.95 7.68 -8.13
CA LEU B 84 -14.30 8.29 -9.27
C LEU B 84 -13.61 7.18 -10.04
N SER B 85 -13.70 5.94 -9.57
CA SER B 85 -12.83 4.84 -10.07
C SER B 85 -12.92 4.47 -11.54
N GLY B 86 -14.12 4.48 -12.10
CA GLY B 86 -14.26 4.21 -13.55
C GLY B 86 -13.69 5.35 -14.40
N PHE B 87 -13.79 6.59 -13.91
CA PHE B 87 -13.12 7.73 -14.53
C PHE B 87 -11.55 7.62 -14.45
N ILE B 88 -11.04 7.26 -13.28
CA ILE B 88 -9.62 7.01 -13.12
C ILE B 88 -9.12 5.97 -14.14
N SER B 89 -9.69 4.75 -14.17
CA SER B 89 -9.39 3.73 -15.26
C SER B 89 -9.58 4.25 -16.69
N SER B 90 -10.79 4.66 -17.01
CA SER B 90 -11.08 5.12 -18.37
C SER B 90 -10.09 6.19 -18.87
N GLN B 91 -9.85 7.25 -18.08
CA GLN B 91 -9.01 8.33 -18.52
C GLN B 91 -7.52 8.10 -18.20
N GLN B 92 -7.15 6.94 -17.67
CA GLN B 92 -5.75 6.69 -17.22
C GLN B 92 -5.17 7.85 -16.40
N ILE B 93 -5.83 8.12 -15.28
CA ILE B 93 -5.38 9.16 -14.39
C ILE B 93 -4.33 8.54 -13.47
N ARG B 94 -3.27 9.23 -13.20
CA ARG B 94 -2.30 8.62 -12.27
C ARG B 94 -2.58 9.16 -10.86
N LEU B 95 -2.59 8.29 -9.88
CA LEU B 95 -2.84 8.71 -8.51
C LEU B 95 -1.55 8.73 -7.75
N VAL B 96 -1.47 9.59 -6.77
CA VAL B 96 -0.32 9.61 -5.87
C VAL B 96 -0.74 10.01 -4.46
N THR B 97 -0.24 9.32 -3.45
CA THR B 97 -0.61 9.62 -2.07
C THR B 97 0.10 10.83 -1.54
N LEU B 98 -0.66 11.74 -0.95
CA LEU B 98 -0.08 12.91 -0.26
C LEU B 98 0.42 12.52 1.14
N SER B 99 -0.12 11.44 1.69
CA SER B 99 0.24 11.02 3.03
C SER B 99 0.75 9.60 3.12
N GLY B 100 1.48 9.32 4.18
CA GLY B 100 1.83 7.97 4.48
C GLY B 100 0.69 7.19 5.02
N GLY B 101 0.95 5.93 5.34
N GLY B 101 0.92 5.92 5.35
CA GLY B 101 -0.02 5.13 6.05
CA GLY B 101 -0.09 5.12 6.02
C GLY B 101 -0.45 3.98 5.20
C GLY B 101 -0.95 4.42 5.01
N VAL B 102 -0.31 4.14 3.88
CA VAL B 102 -0.59 3.04 2.96
C VAL B 102 -1.99 2.45 2.98
N GLY B 103 -2.23 1.64 4.03
CA GLY B 103 -3.42 0.82 4.26
C GLY B 103 -4.73 1.55 4.34
N SER B 104 -4.67 2.77 4.87
CA SER B 104 -5.82 3.70 4.92
C SER B 104 -6.44 3.97 3.53
N TYR B 105 -5.63 3.80 2.49
CA TYR B 105 -6.05 4.08 1.12
C TYR B 105 -6.63 2.84 0.40
N MET B 106 -6.69 1.69 1.07
CA MET B 106 -7.10 0.46 0.41
C MET B 106 -8.59 0.38 0.11
N THR B 107 -9.39 1.23 0.78
CA THR B 107 -10.84 1.32 0.49
C THR B 107 -11.12 2.00 -0.87
N GLY B 108 -10.44 3.11 -1.18
CA GLY B 108 -10.57 3.79 -2.50
C GLY B 108 -9.65 3.32 -3.64
N ILE B 109 -8.81 2.33 -3.33
CA ILE B 109 -7.83 1.75 -4.28
C ILE B 109 -8.14 0.26 -4.51
N GLY B 110 -8.50 -0.47 -3.46
CA GLY B 110 -9.09 -1.80 -3.64
C GLY B 110 -10.41 -1.59 -4.34
N GLN B 111 -10.35 -1.18 -5.61
CA GLN B 111 -11.45 -0.46 -6.29
C GLN B 111 -11.24 -0.13 -7.78
N LEU B 112 -10.06 -0.42 -8.33
CA LEU B 112 -9.65 0.12 -9.62
C LEU B 112 -9.28 -1.04 -10.54
N ASN B 113 -8.28 -0.87 -11.41
CA ASN B 113 -7.73 -2.01 -12.18
C ASN B 113 -6.20 -1.91 -12.34
N ALA B 114 -5.56 -3.06 -12.62
CA ALA B 114 -4.10 -3.16 -12.68
C ALA B 114 -3.41 -2.24 -13.71
N ALA B 115 -4.14 -1.75 -14.71
CA ALA B 115 -3.54 -0.78 -15.63
C ALA B 115 -3.46 0.63 -14.97
N CYS B 116 -4.10 0.81 -13.79
CA CYS B 116 -4.09 2.10 -13.01
C CYS B 116 -2.72 2.33 -12.34
N SER B 117 -2.05 3.45 -12.65
CA SER B 117 -0.81 3.79 -11.94
C SER B 117 -1.15 4.35 -10.54
N VAL B 118 -0.76 3.64 -9.51
CA VAL B 118 -0.98 4.13 -8.16
C VAL B 118 0.34 4.21 -7.47
N ASN B 119 0.70 5.42 -7.04
CA ASN B 119 1.97 5.70 -6.50
C ASN B 119 1.85 6.06 -5.00
N ILE B 120 2.38 5.19 -4.15
CA ILE B 120 2.11 5.19 -2.71
C ILE B 120 3.32 5.38 -1.85
N ILE B 121 3.24 6.31 -0.91
CA ILE B 121 4.33 6.51 0.02
C ILE B 121 4.46 5.27 0.90
N PRO B 122 5.61 4.54 0.88
CA PRO B 122 5.78 3.28 1.64
C PRO B 122 6.30 3.54 3.05
N ALA B 123 5.46 4.16 3.88
CA ALA B 123 5.87 4.53 5.22
C ALA B 123 4.64 4.68 6.04
N PRO B 124 4.82 4.73 7.35
CA PRO B 124 3.63 5.06 8.14
C PRO B 124 3.18 6.51 7.94
N LEU B 125 1.96 6.82 8.32
CA LEU B 125 1.49 8.17 8.26
C LEU B 125 2.23 9.09 9.26
N ARG B 126 2.44 8.58 10.47
CA ARG B 126 3.09 9.32 11.48
C ARG B 126 4.13 8.46 12.15
N ALA B 127 5.35 8.92 12.29
CA ALA B 127 6.38 8.20 12.92
C ALA B 127 6.35 8.49 14.41
N SER B 128 7.07 7.66 15.18
CA SER B 128 7.04 7.77 16.64
C SER B 128 7.95 8.87 17.14
N SER B 129 8.82 9.45 16.33
CA SER B 129 9.65 10.56 16.74
C SER B 129 9.97 11.42 15.50
N ALA B 130 10.29 12.69 15.70
CA ALA B 130 10.63 13.50 14.54
C ALA B 130 11.92 13.07 13.87
N ASP B 131 12.89 12.56 14.63
CA ASP B 131 14.14 12.01 14.00
C ASP B 131 13.85 10.83 12.99
N ILE B 132 12.94 9.96 13.40
CA ILE B 132 12.50 8.86 12.55
C ILE B 132 11.75 9.41 11.36
N ALA B 133 10.90 10.43 11.53
CA ALA B 133 10.22 11.00 10.35
C ALA B 133 11.24 11.51 9.37
N ARG B 134 12.25 12.22 9.87
CA ARG B 134 13.27 12.81 8.95
C ARG B 134 14.10 11.70 8.23
N THR B 135 14.31 10.58 8.89
CA THR B 135 15.06 9.48 8.31
C THR B 135 14.25 8.83 7.20
N LEU B 136 12.99 8.60 7.49
CA LEU B 136 12.11 8.01 6.50
C LEU B 136 11.91 8.89 5.32
N LYS B 137 11.75 10.18 5.56
CA LYS B 137 11.63 11.13 4.44
C LYS B 137 12.86 11.18 3.48
N ASN B 138 14.03 10.80 3.98
CA ASN B 138 15.23 10.72 3.15
C ASN B 138 15.45 9.37 2.51
N GLU B 139 14.70 8.33 2.85
CA GLU B 139 14.86 7.08 2.11
C GLU B 139 14.43 7.32 0.64
N ASN B 140 15.12 6.71 -0.30
CA ASN B 140 14.88 7.00 -1.70
C ASN B 140 13.49 6.71 -2.21
N CYS B 141 12.95 5.55 -1.82
CA CYS B 141 11.63 5.13 -2.28
C CYS B 141 10.52 6.03 -1.70
N VAL B 142 10.78 6.68 -0.58
CA VAL B 142 9.87 7.67 0.00
C VAL B 142 10.03 9.02 -0.65
N LYS B 143 11.28 9.49 -0.74
CA LYS B 143 11.56 10.76 -1.38
C LYS B 143 11.04 10.88 -2.82
N ASP B 144 11.18 9.80 -3.55
CA ASP B 144 10.67 9.68 -4.90
C ASP B 144 9.14 9.98 -4.99
N VAL B 145 8.36 9.41 -4.10
CA VAL B 145 6.94 9.64 -4.08
C VAL B 145 6.56 11.01 -3.58
N LEU B 146 7.21 11.51 -2.53
CA LEU B 146 7.03 12.92 -2.12
C LEU B 146 7.25 13.94 -3.28
N LEU B 147 8.27 13.74 -4.09
CA LEU B 147 8.43 14.60 -5.27
C LEU B 147 7.32 14.43 -6.23
N ALA B 148 6.96 13.18 -6.56
CA ALA B 148 5.89 12.99 -7.48
C ALA B 148 4.57 13.67 -7.03
N ALA B 149 4.26 13.61 -5.74
CA ALA B 149 3.08 14.17 -5.20
C ALA B 149 3.09 15.68 -5.34
N GLN B 150 4.21 16.34 -5.07
CA GLN B 150 4.27 17.75 -5.15
C GLN B 150 4.08 18.25 -6.63
N ALA B 151 4.33 17.35 -7.62
CA ALA B 151 4.30 17.64 -9.05
C ALA B 151 2.92 17.38 -9.60
N ALA B 152 1.94 17.03 -8.76
CA ALA B 152 0.61 16.65 -9.32
C ALA B 152 -0.10 17.80 -10.01
N ASP B 153 -1.05 17.47 -10.85
CA ASP B 153 -1.90 18.51 -11.51
C ASP B 153 -3.07 18.98 -10.61
N VAL B 154 -3.70 18.07 -9.88
CA VAL B 154 -4.83 18.43 -9.01
C VAL B 154 -4.61 17.69 -7.69
N ALA B 155 -5.06 18.25 -6.56
CA ALA B 155 -5.10 17.52 -5.26
C ALA B 155 -6.54 17.47 -4.80
N ILE B 156 -6.90 16.38 -4.15
CA ILE B 156 -8.14 16.26 -3.43
C ILE B 156 -7.86 15.94 -1.94
N VAL B 157 -8.36 16.79 -1.06
CA VAL B 157 -8.12 16.58 0.34
C VAL B 157 -9.36 16.88 1.19
N GLY B 158 -9.44 16.21 2.36
CA GLY B 158 -10.39 16.49 3.41
C GLY B 158 -9.92 17.61 4.32
N ILE B 159 -10.81 18.04 5.22
CA ILE B 159 -10.44 19.07 6.16
C ILE B 159 -10.93 18.60 7.49
N GLY B 160 -10.05 18.47 8.49
CA GLY B 160 -10.51 18.03 9.82
C GLY B 160 -10.77 19.26 10.70
N ALA B 161 -11.65 19.12 11.69
CA ALA B 161 -11.91 20.26 12.63
C ALA B 161 -11.75 19.79 14.08
N VAL B 162 -11.03 20.59 14.84
CA VAL B 162 -10.82 20.43 16.27
C VAL B 162 -12.16 20.37 16.97
N SER B 163 -13.16 21.08 16.47
CA SER B 163 -14.41 21.14 17.17
C SER B 163 -15.19 19.87 16.93
N GLN B 164 -14.75 18.97 16.03
CA GLN B 164 -15.43 17.66 15.93
C GLN B 164 -15.15 16.74 17.15
N GLN B 165 -14.10 17.07 17.89
CA GLN B 165 -13.74 16.32 19.10
CA GLN B 165 -13.64 16.33 19.08
C GLN B 165 -13.55 14.83 18.77
N ASP B 166 -14.18 13.95 19.54
CA ASP B 166 -14.05 12.49 19.37
C ASP B 166 -14.61 12.01 18.07
N ASP B 167 -15.40 12.80 17.36
CA ASP B 167 -15.89 12.38 16.04
C ASP B 167 -14.84 12.59 14.89
N ALA B 168 -13.77 13.36 15.11
CA ALA B 168 -12.78 13.62 14.05
C ALA B 168 -12.14 12.32 13.61
N THR B 169 -11.92 12.19 12.32
CA THR B 169 -11.23 11.01 11.75
C THR B 169 -9.87 10.78 12.37
N ILE B 170 -9.15 11.83 12.64
CA ILE B 170 -7.79 11.68 13.19
C ILE B 170 -7.74 11.04 14.57
N ILE B 171 -8.87 11.14 15.30
CA ILE B 171 -9.00 10.58 16.67
C ILE B 171 -9.48 9.11 16.48
N ARG B 172 -10.53 8.94 15.71
CA ARG B 172 -11.10 7.59 15.46
C ARG B 172 -10.15 6.61 14.79
N SER B 173 -9.25 7.11 13.97
CA SER B 173 -8.14 6.30 13.47
C SER B 173 -7.00 6.10 14.37
N GLY B 174 -6.89 6.86 15.43
CA GLY B 174 -5.78 6.67 16.33
C GLY B 174 -4.54 7.45 15.99
N TYR B 175 -4.62 8.47 15.15
CA TYR B 175 -3.42 9.14 14.79
C TYR B 175 -2.99 10.22 15.72
N ILE B 176 -3.91 10.74 16.53
CA ILE B 176 -3.56 11.47 17.73
C ILE B 176 -4.42 11.01 18.87
N SER B 177 -3.94 11.32 20.06
CA SER B 177 -4.69 11.01 21.30
C SER B 177 -5.62 12.17 21.65
N GLN B 178 -6.53 11.92 22.57
CA GLN B 178 -7.46 12.93 23.02
C GLN B 178 -6.71 14.08 23.73
N GLY B 179 -5.68 13.71 24.48
CA GLY B 179 -4.81 14.66 25.16
C GLY B 179 -4.12 15.59 24.17
N GLU B 180 -3.64 15.01 23.08
CA GLU B 180 -3.07 15.75 21.98
C GLU B 180 -4.09 16.74 21.38
N GLN B 181 -5.28 16.26 21.04
CA GLN B 181 -6.32 17.10 20.48
C GLN B 181 -6.65 18.29 21.39
N LEU B 182 -6.80 18.00 22.71
CA LEU B 182 -7.04 19.05 23.71
C LEU B 182 -5.97 20.14 23.68
N MET B 183 -4.70 19.74 23.67
CA MET B 183 -3.63 20.74 23.62
C MET B 183 -3.53 21.46 22.29
N ILE B 184 -3.82 20.78 21.20
CA ILE B 184 -3.80 21.45 19.87
C ILE B 184 -4.84 22.55 19.84
N GLY B 185 -6.03 22.25 20.33
CA GLY B 185 -7.05 23.28 20.60
C GLY B 185 -6.58 24.40 21.55
N ARG B 186 -5.96 24.05 22.67
CA ARG B 186 -5.49 25.09 23.58
CA ARG B 186 -5.49 25.09 23.58
C ARG B 186 -4.49 26.00 22.87
N LYS B 187 -3.70 25.43 21.97
CA LYS B 187 -2.71 26.16 21.24
C LYS B 187 -3.26 27.05 20.08
N GLY B 188 -4.56 27.09 19.92
CA GLY B 188 -5.16 27.94 18.93
C GLY B 188 -5.53 27.31 17.59
N ALA B 189 -5.23 26.04 17.36
CA ALA B 189 -5.60 25.38 16.10
C ALA B 189 -7.13 25.24 15.94
N VAL B 190 -7.62 25.35 14.72
CA VAL B 190 -9.06 25.14 14.50
C VAL B 190 -9.28 23.95 13.58
N GLY B 191 -8.26 23.54 12.83
CA GLY B 191 -8.46 22.49 11.88
C GLY B 191 -7.21 22.01 11.27
N ASP B 192 -7.34 21.00 10.43
CA ASP B 192 -6.12 20.43 9.84
C ASP B 192 -6.34 19.98 8.43
N ILE B 193 -5.26 19.98 7.69
CA ILE B 193 -5.18 19.25 6.43
C ILE B 193 -3.94 18.37 6.49
N LEU B 194 -4.14 17.11 6.15
CA LEU B 194 -3.11 16.09 6.14
C LEU B 194 -2.40 15.87 7.52
N GLY B 195 -3.06 16.22 8.61
CA GLY B 195 -2.50 16.19 9.98
C GLY B 195 -1.75 17.46 10.42
N TYR B 196 -1.68 18.48 9.57
CA TYR B 196 -1.08 19.76 9.89
C TYR B 196 -2.19 20.72 10.29
N PHE B 197 -2.13 21.18 11.52
CA PHE B 197 -3.13 22.01 12.13
C PHE B 197 -2.83 23.47 11.97
N PHE B 198 -3.86 24.23 11.65
CA PHE B 198 -3.72 25.71 11.51
C PHE B 198 -4.69 26.48 12.36
N ASP B 199 -4.33 27.72 12.66
CA ASP B 199 -5.21 28.60 13.45
C ASP B 199 -6.34 29.21 12.60
N ALA B 200 -7.18 30.06 13.20
CA ALA B 200 -8.31 30.68 12.46
C ALA B 200 -7.89 31.59 11.35
N LYS B 201 -6.69 32.11 11.35
CA LYS B 201 -6.23 32.88 10.18
C LYS B 201 -5.62 32.07 9.08
N GLY B 202 -5.39 30.78 9.32
CA GLY B 202 -4.84 29.89 8.30
C GLY B 202 -3.40 29.64 8.45
N ASP B 203 -2.75 30.05 9.54
CA ASP B 203 -1.32 29.78 9.67
C ASP B 203 -1.14 28.50 10.43
N VAL B 204 -0.20 27.69 9.95
CA VAL B 204 0.13 26.47 10.62
C VAL B 204 0.61 26.79 12.04
N VAL B 205 0.11 26.05 13.02
CA VAL B 205 0.45 26.35 14.42
C VAL B 205 1.80 25.74 14.74
N THR B 206 2.66 26.53 15.37
CA THR B 206 4.13 26.28 15.48
C THR B 206 4.57 25.20 16.45
N ASN B 207 3.88 25.02 17.51
CA ASN B 207 4.48 24.24 18.60
C ASN B 207 3.94 22.77 18.67
N ILE B 208 3.80 22.04 17.59
CA ILE B 208 2.95 20.87 17.63
C ILE B 208 3.69 19.64 17.21
N LYS B 209 3.74 18.69 18.11
CA LYS B 209 4.62 17.54 17.94
C LYS B 209 4.30 16.72 16.69
N ILE B 210 3.00 16.50 16.39
CA ILE B 210 2.67 15.68 15.24
C ILE B 210 3.21 16.30 13.97
N HIS B 211 3.29 17.63 13.86
CA HIS B 211 3.73 18.18 12.60
C HIS B 211 5.13 17.62 12.20
N ASN B 212 6.07 17.43 13.11
CA ASN B 212 7.42 16.94 12.74
C ASN B 212 7.53 15.46 12.71
N GLU B 213 6.45 14.79 13.02
CA GLU B 213 6.39 13.35 12.92
C GLU B 213 5.74 12.80 11.66
N LEU B 214 5.05 13.64 10.91
CA LEU B 214 4.32 13.18 9.75
C LEU B 214 5.30 12.94 8.58
N ILE B 215 5.05 11.91 7.80
CA ILE B 215 5.97 11.55 6.75
C ILE B 215 5.62 12.21 5.41
N GLY B 216 4.36 12.42 5.17
CA GLY B 216 3.95 13.10 3.93
C GLY B 216 4.29 14.55 3.73
N LEU B 217 3.89 15.00 2.55
CA LEU B 217 4.12 16.37 2.06
C LEU B 217 3.61 17.40 3.07
N PRO B 218 4.41 18.42 3.43
CA PRO B 218 3.90 19.50 4.25
C PRO B 218 2.95 20.39 3.43
N LEU B 219 2.17 21.19 4.12
CA LEU B 219 1.25 22.11 3.50
C LEU B 219 1.96 23.16 2.60
N SER B 220 3.13 23.65 3.01
CA SER B 220 3.92 24.55 2.14
C SER B 220 4.15 23.91 0.77
N ALA B 221 4.40 22.61 0.70
CA ALA B 221 4.63 21.95 -0.57
C ALA B 221 3.35 21.61 -1.30
N LEU B 222 2.28 21.26 -0.59
CA LEU B 222 0.97 21.04 -1.25
C LEU B 222 0.56 22.19 -2.16
N LYS B 223 0.88 23.42 -1.76
CA LYS B 223 0.56 24.62 -2.55
C LYS B 223 1.23 24.75 -3.89
N THR B 224 2.25 23.97 -4.16
CA THR B 224 2.81 23.89 -5.52
C THR B 224 1.74 23.38 -6.51
N ILE B 225 0.88 22.44 -6.08
CA ILE B 225 -0.15 21.89 -6.96
C ILE B 225 -1.16 22.99 -7.31
N PRO B 226 -1.45 23.17 -8.61
CA PRO B 226 -2.21 24.36 -9.04
C PRO B 226 -3.66 24.31 -8.74
N VAL B 227 -4.28 23.12 -8.74
CA VAL B 227 -5.68 23.01 -8.38
C VAL B 227 -5.81 22.07 -7.17
N ARG B 228 -6.23 22.64 -6.04
CA ARG B 228 -6.25 21.92 -4.73
C ARG B 228 -7.71 21.96 -4.22
N VAL B 229 -8.40 20.83 -4.29
CA VAL B 229 -9.80 20.78 -3.94
C VAL B 229 -9.99 20.21 -2.58
N GLY B 230 -10.62 20.97 -1.72
CA GLY B 230 -11.07 20.49 -0.45
C GLY B 230 -12.53 20.00 -0.50
N VAL B 231 -12.78 18.86 0.11
CA VAL B 231 -14.14 18.32 0.17
C VAL B 231 -14.46 18.08 1.64
N ALA B 232 -15.37 18.88 2.12
CA ALA B 232 -15.71 18.80 3.54
C ALA B 232 -17.08 19.47 3.80
N GLY B 233 -17.84 18.90 4.73
CA GLY B 233 -19.06 19.50 5.22
C GLY B 233 -19.35 19.18 6.66
N GLY B 234 -20.49 19.73 7.16
CA GLY B 234 -20.90 19.68 8.57
C GLY B 234 -20.63 21.05 9.14
N GLU B 235 -21.62 21.65 9.79
CA GLU B 235 -21.44 23.00 10.38
C GLU B 235 -20.29 23.09 11.40
N ASN B 236 -20.05 22.02 12.17
CA ASN B 236 -18.85 22.00 13.05
C ASN B 236 -17.48 22.15 12.28
N LYS B 237 -17.46 22.03 10.93
CA LYS B 237 -16.22 22.20 10.15
C LYS B 237 -16.13 23.60 9.58
N ALA B 238 -17.16 24.41 9.75
CA ALA B 238 -17.17 25.75 9.11
C ALA B 238 -15.94 26.66 9.36
N GLU B 239 -15.53 26.79 10.62
CA GLU B 239 -14.34 27.53 10.91
C GLU B 239 -13.02 26.92 10.30
N ALA B 240 -12.84 25.62 10.40
CA ALA B 240 -11.68 24.93 9.87
C ALA B 240 -11.65 25.16 8.34
N ILE B 241 -12.79 25.00 7.68
CA ILE B 241 -12.86 25.20 6.20
C ILE B 241 -12.55 26.65 5.78
N ALA B 242 -13.05 27.64 6.53
CA ALA B 242 -12.75 29.03 6.24
C ALA B 242 -11.25 29.28 6.35
N ALA B 243 -10.66 28.75 7.42
CA ALA B 243 -9.27 29.02 7.70
C ALA B 243 -8.39 28.32 6.69
N ALA B 244 -8.82 27.17 6.23
CA ALA B 244 -8.06 26.44 5.18
C ALA B 244 -7.91 27.32 3.95
N MET B 245 -9.00 28.01 3.58
CA MET B 245 -9.05 28.90 2.37
C MET B 245 -8.22 30.13 2.57
N LYS B 246 -8.33 30.75 3.73
CA LYS B 246 -7.49 31.87 4.08
C LYS B 246 -6.09 31.55 4.15
N GLY B 247 -5.74 30.32 4.43
CA GLY B 247 -4.36 29.98 4.39
C GLY B 247 -3.85 29.65 3.00
N GLY B 248 -4.71 29.56 2.04
CA GLY B 248 -4.25 29.11 0.73
C GLY B 248 -4.09 27.62 0.44
N TYR B 249 -4.42 26.76 1.38
CA TYR B 249 -4.12 25.36 1.20
C TYR B 249 -4.99 24.75 0.10
N ILE B 250 -6.23 25.23 0.04
CA ILE B 250 -7.13 24.83 -0.98
C ILE B 250 -7.54 26.08 -1.75
N ASN B 251 -7.77 25.90 -3.03
CA ASN B 251 -8.27 26.99 -3.87
C ASN B 251 -9.47 26.47 -4.66
N ALA B 252 -10.00 25.34 -4.24
CA ALA B 252 -11.34 24.93 -4.66
C ALA B 252 -12.04 24.17 -3.56
N LEU B 253 -13.37 24.19 -3.54
CA LEU B 253 -14.20 23.62 -2.43
C LEU B 253 -15.46 22.96 -2.87
N VAL B 254 -15.74 21.82 -2.23
CA VAL B 254 -16.95 21.10 -2.37
C VAL B 254 -17.50 20.94 -0.95
N THR B 255 -18.69 21.50 -0.71
CA THR B 255 -19.30 21.48 0.63
C THR B 255 -20.80 21.46 0.50
N ASP B 256 -21.52 21.52 1.62
CA ASP B 256 -23.00 21.47 1.57
C ASP B 256 -23.52 22.86 1.92
N GLN B 257 -24.84 23.00 1.79
CA GLN B 257 -25.49 24.30 1.93
C GLN B 257 -25.43 24.89 3.34
N ASP B 258 -25.72 24.08 4.37
CA ASP B 258 -25.68 24.62 5.73
C ASP B 258 -24.27 25.07 6.05
N THR B 259 -23.30 24.25 5.63
CA THR B 259 -21.92 24.54 5.97
C THR B 259 -21.52 25.83 5.24
N ALA B 260 -21.87 25.93 3.95
CA ALA B 260 -21.59 27.18 3.15
C ALA B 260 -22.16 28.41 3.83
N ALA B 261 -23.38 28.30 4.28
CA ALA B 261 -23.95 29.43 5.06
C ALA B 261 -23.04 29.85 6.21
N ALA B 262 -22.74 28.83 7.02
CA ALA B 262 -21.91 29.05 8.19
C ALA B 262 -20.57 29.60 7.80
N ILE B 263 -20.00 29.16 6.70
CA ILE B 263 -18.68 29.62 6.34
C ILE B 263 -18.73 31.10 6.05
N LEU B 264 -19.78 31.54 5.39
CA LEU B 264 -19.85 32.91 4.89
C LEU B 264 -20.00 33.89 6.03
N ARG B 265 -20.77 33.52 7.04
CA ARG B 265 -20.91 34.28 8.32
C ARG B 265 -19.71 34.15 9.29
N SER B 266 -18.75 33.28 8.98
CA SER B 266 -17.62 33.12 9.88
C SER B 266 -16.77 34.43 9.87
#